data_6V3N
#
_entry.id   6V3N
#
_cell.length_a   60.792
_cell.length_b   60.792
_cell.length_c   178.6
_cell.angle_alpha   90
_cell.angle_beta   90
_cell.angle_gamma   90
#
_symmetry.space_group_name_H-M   'P 43 2 2'
#
loop_
_entity.id
_entity.type
_entity.pdbx_description
1 polymer 'Chromodomain Y-like protein 2'
2 polymer ACE-GLN-LEU-ALA-THR-LYS-ALA-ALA-ARG-M3L-SER-ALA-PRO-ALA-THR-TYR-NH2
3 non-polymer 'UNKNOWN LIGAND'
#
loop_
_entity_poly.entity_id
_entity_poly.type
_entity_poly.pdbx_seq_one_letter_code
_entity_poly.pdbx_strand_id
1 'polypeptide(L)' GASGDLYEVERIVDKRKNKKGKWEYLIRWKGYGSTEDTWEPEHHLLHCEEFIDEFNGLHMSKDK A,B
2 'polypeptide(L)' (ACE)QLATKAAR(M3L)SAPATY(NH2) C,D
#
# COMPACT_ATOMS: atom_id res chain seq x y z
N ALA A 2 -21.31 -13.43 6.64
N ALA A 2 -21.96 -15.26 5.47
CA ALA A 2 -21.35 -14.89 6.76
CA ALA A 2 -21.35 -14.89 6.75
C ALA A 2 -19.95 -15.50 6.89
N SER A 3 -18.90 -14.71 6.57
CA SER A 3 -17.49 -15.11 6.60
C SER A 3 -16.79 -15.06 8.00
N GLY A 4 -17.52 -14.55 9.00
CA GLY A 4 -17.01 -14.37 10.36
C GLY A 4 -16.90 -12.91 10.75
N ASP A 5 -17.15 -12.60 12.04
CA ASP A 5 -17.10 -11.24 12.56
C ASP A 5 -15.68 -10.68 12.58
N LEU A 6 -15.54 -9.44 12.11
CA LEU A 6 -14.27 -8.71 12.01
C LEU A 6 -13.88 -8.11 13.37
N TYR A 7 -12.62 -8.32 13.74
CA TYR A 7 -12.01 -7.86 14.99
C TYR A 7 -10.56 -7.40 14.70
N GLU A 8 -10.07 -6.38 15.42
CA GLU A 8 -8.70 -5.86 15.37
C GLU A 8 -7.77 -6.89 15.99
N VAL A 9 -6.55 -6.97 15.47
CA VAL A 9 -5.52 -7.91 15.89
C VAL A 9 -4.39 -7.19 16.63
N GLU A 10 -4.01 -7.71 17.82
CA GLU A 10 -2.90 -7.16 18.60
C GLU A 10 -1.61 -7.63 17.90
N ARG A 11 -1.53 -8.95 17.65
CA ARG A 11 -0.39 -9.57 17.01
C ARG A 11 -0.66 -11.02 16.63
N ILE A 12 0.17 -11.54 15.74
CA ILE A 12 0.20 -12.95 15.35
C ILE A 12 1.22 -13.55 16.30
N VAL A 13 0.74 -14.50 17.09
CA VAL A 13 1.45 -15.20 18.15
C VAL A 13 2.29 -16.37 17.62
N ASP A 14 1.75 -17.13 16.65
CA ASP A 14 2.34 -18.36 16.09
C ASP A 14 1.77 -18.63 14.68
N LYS A 15 2.39 -19.55 13.91
CA LYS A 15 1.96 -19.92 12.57
C LYS A 15 2.10 -21.41 12.44
N ARG A 16 1.33 -22.02 11.53
CA ARG A 16 1.39 -23.45 11.25
C ARG A 16 0.80 -23.77 9.89
N LYS A 17 1.03 -24.99 9.45
CA LYS A 17 0.47 -25.57 8.24
C LYS A 17 -0.57 -26.63 8.70
N ASN A 18 -1.73 -26.73 8.07
CA ASN A 18 -2.68 -27.74 8.50
C ASN A 18 -2.52 -29.00 7.69
N LYS A 19 -3.38 -30.02 7.94
CA LYS A 19 -3.33 -31.32 7.22
C LYS A 19 -3.40 -31.15 5.68
N LYS A 20 -4.14 -30.11 5.21
CA LYS A 20 -4.33 -29.75 3.78
C LYS A 20 -3.20 -28.85 3.19
N GLY A 21 -2.12 -28.61 3.96
CA GLY A 21 -0.96 -27.82 3.55
C GLY A 21 -1.18 -26.33 3.45
N LYS A 22 -2.27 -25.81 4.02
CA LYS A 22 -2.61 -24.39 4.02
C LYS A 22 -2.16 -23.80 5.35
N TRP A 23 -1.87 -22.48 5.35
CA TRP A 23 -1.38 -21.71 6.50
C TRP A 23 -2.47 -21.27 7.41
N GLU A 24 -2.21 -21.41 8.71
CA GLU A 24 -3.07 -20.96 9.81
C GLU A 24 -2.24 -20.09 10.73
N TYR A 25 -2.91 -19.12 11.36
CA TYR A 25 -2.27 -18.13 12.22
C TYR A 25 -2.93 -18.06 13.58
N LEU A 26 -2.13 -18.20 14.67
CA LEU A 26 -2.63 -18.03 16.03
C LEU A 26 -2.65 -16.53 16.29
N ILE A 27 -3.86 -15.99 16.45
CA ILE A 27 -4.09 -14.57 16.61
C ILE A 27 -4.30 -14.18 18.08
N ARG A 28 -3.61 -13.10 18.52
CA ARG A 28 -3.82 -12.39 19.78
C ARG A 28 -4.77 -11.23 19.41
N TRP A 29 -6.01 -11.29 19.86
CA TRP A 29 -7.04 -10.30 19.57
C TRP A 29 -6.88 -9.05 20.44
N LYS A 30 -6.96 -7.87 19.81
CA LYS A 30 -6.84 -6.59 20.50
C LYS A 30 -7.93 -6.52 21.57
N GLY A 31 -7.50 -6.38 22.82
CA GLY A 31 -8.41 -6.29 23.95
C GLY A 31 -8.63 -7.57 24.73
N TYR A 32 -8.09 -8.70 24.22
CA TYR A 32 -8.22 -10.02 24.84
C TYR A 32 -6.84 -10.58 25.18
N GLY A 33 -6.81 -11.47 26.16
CA GLY A 33 -5.63 -12.15 26.67
C GLY A 33 -5.35 -13.44 25.95
N SER A 34 -4.26 -14.14 26.37
CA SER A 34 -3.73 -15.36 25.74
C SER A 34 -4.71 -16.54 25.67
N THR A 35 -5.67 -16.58 26.58
CA THR A 35 -6.67 -17.66 26.68
C THR A 35 -7.66 -17.61 25.51
N GLU A 36 -7.91 -16.41 24.98
CA GLU A 36 -8.84 -16.15 23.90
C GLU A 36 -8.19 -16.24 22.53
N ASP A 37 -6.90 -16.70 22.48
CA ASP A 37 -6.14 -16.86 21.25
C ASP A 37 -6.70 -17.98 20.42
N THR A 38 -6.97 -17.70 19.14
CA THR A 38 -7.56 -18.66 18.21
C THR A 38 -6.76 -18.80 16.93
N TRP A 39 -6.79 -20.03 16.34
CA TRP A 39 -6.14 -20.37 15.07
C TRP A 39 -7.07 -20.00 13.93
N GLU A 40 -6.63 -19.04 13.12
CA GLU A 40 -7.40 -18.54 12.00
C GLU A 40 -6.77 -18.87 10.65
N PRO A 41 -7.59 -19.29 9.65
CA PRO A 41 -7.03 -19.53 8.30
C PRO A 41 -6.54 -18.24 7.67
N GLU A 42 -5.46 -18.35 6.87
CA GLU A 42 -4.80 -17.25 6.15
C GLU A 42 -5.78 -16.23 5.52
N HIS A 43 -6.84 -16.67 4.82
CA HIS A 43 -7.80 -15.77 4.15
C HIS A 43 -8.61 -14.88 5.12
N HIS A 44 -8.60 -15.21 6.43
CA HIS A 44 -9.25 -14.42 7.47
C HIS A 44 -8.45 -13.21 7.89
N LEU A 45 -7.15 -13.13 7.51
CA LEU A 45 -6.32 -11.98 7.89
C LEU A 45 -6.53 -10.82 6.95
N LEU A 46 -6.55 -9.62 7.50
CA LEU A 46 -6.79 -8.39 6.76
C LEU A 46 -5.82 -7.29 7.18
N HIS A 47 -5.52 -6.37 6.23
CA HIS A 47 -4.77 -5.16 6.52
C HIS A 47 -5.68 -4.00 6.27
N CYS A 48 -5.82 -3.12 7.26
CA CYS A 48 -6.72 -1.96 7.14
C CYS A 48 -5.92 -0.70 7.05
N GLU A 49 -6.45 0.27 6.29
CA GLU A 49 -5.81 1.56 6.08
C GLU A 49 -6.85 2.63 6.05
N GLU A 50 -6.44 3.81 6.50
CA GLU A 50 -7.21 5.03 6.46
C GLU A 50 -7.19 5.52 5.01
N PHE A 51 -8.23 6.22 4.59
CA PHE A 51 -8.31 6.80 3.25
C PHE A 51 -7.29 7.92 3.26
N ILE A 52 -6.54 8.06 2.17
CA ILE A 52 -5.46 9.02 2.13
C ILE A 52 -5.57 9.93 0.90
N ASP A 53 -4.98 11.11 0.98
CA ASP A 53 -4.91 12.00 -0.18
C ASP A 53 -3.46 11.82 -0.61
N GLU A 54 -3.27 11.03 -1.68
CA GLU A 54 -1.94 10.66 -2.18
C GLU A 54 -1.11 11.86 -2.61
N PHE A 55 -1.75 13.01 -2.84
CA PHE A 55 -1.06 14.26 -3.21
C PHE A 55 -0.34 14.95 -2.05
N ASN A 56 -0.85 14.81 -0.80
CA ASN A 56 -0.23 15.41 0.39
C ASN A 56 1.21 14.94 0.60
N GLY A 57 1.45 13.65 0.26
CA GLY A 57 2.72 12.97 0.42
C GLY A 57 3.85 13.39 -0.50
N LEU A 58 3.52 13.96 -1.68
CA LEU A 58 4.49 14.41 -2.68
C LEU A 58 5.50 15.41 -2.09
N HIS A 59 6.79 15.22 -2.44
CA HIS A 59 7.88 16.09 -2.00
C HIS A 59 8.39 16.96 -3.16
N MET A 60 8.41 18.30 -2.94
CA MET A 60 8.90 19.32 -3.86
C MET A 60 10.27 19.82 -3.42
N SER A 61 11.04 20.45 -4.36
CA SER A 61 12.36 21.03 -4.08
C SER A 61 12.76 22.05 -5.15
N SER B 3 -2.06 8.94 -24.81
CA SER B 3 -2.07 9.53 -23.45
C SER B 3 -0.69 10.10 -23.02
N GLY B 4 0.35 9.80 -23.83
CA GLY B 4 1.73 10.23 -23.62
C GLY B 4 2.64 9.09 -23.19
N ASP B 5 3.89 9.08 -23.69
CA ASP B 5 4.88 8.06 -23.33
C ASP B 5 5.29 8.12 -21.87
N LEU B 6 5.37 6.94 -21.23
CA LEU B 6 5.73 6.80 -19.82
C LEU B 6 7.24 6.88 -19.60
N TYR B 7 7.63 7.69 -18.62
CA TYR B 7 9.02 7.92 -18.25
C TYR B 7 9.14 7.98 -16.71
N GLU B 8 10.28 7.50 -16.17
CA GLU B 8 10.65 7.52 -14.77
C GLU B 8 10.91 8.96 -14.36
N VAL B 9 10.58 9.29 -13.11
CA VAL B 9 10.72 10.63 -12.54
C VAL B 9 11.82 10.65 -11.50
N GLU B 10 12.75 11.64 -11.60
CA GLU B 10 13.81 11.82 -10.63
C GLU B 10 13.17 12.49 -9.39
N ARG B 11 12.41 13.56 -9.62
CA ARG B 11 11.71 14.31 -8.59
C ARG B 11 10.74 15.34 -9.15
N ILE B 12 9.83 15.80 -8.30
CA ILE B 12 8.90 16.88 -8.58
C ILE B 12 9.64 18.10 -8.07
N VAL B 13 9.89 19.03 -8.97
CA VAL B 13 10.66 20.24 -8.79
C VAL B 13 9.82 21.38 -8.20
N ASP B 14 8.56 21.54 -8.68
CA ASP B 14 7.62 22.61 -8.31
C ASP B 14 6.17 22.18 -8.59
N LYS B 15 5.19 22.99 -8.14
CA LYS B 15 3.75 22.79 -8.32
C LYS B 15 3.02 24.12 -8.51
N ARG B 16 2.01 24.15 -9.38
CA ARG B 16 1.19 25.33 -9.67
C ARG B 16 -0.25 24.95 -10.03
N LYS B 17 -1.18 25.92 -9.96
CA LYS B 17 -2.59 25.75 -10.31
C LYS B 17 -2.83 26.43 -11.67
N ASN B 18 -3.33 25.68 -12.67
CA ASN B 18 -3.61 26.18 -14.02
C ASN B 18 -4.89 27.05 -14.13
N LYS B 19 -5.19 27.51 -15.37
CA LYS B 19 -6.33 28.37 -15.72
C LYS B 19 -7.69 27.73 -15.42
N LYS B 20 -7.76 26.37 -15.48
CA LYS B 20 -8.98 25.59 -15.22
C LYS B 20 -9.27 25.38 -13.73
N GLY B 21 -8.24 25.56 -12.90
CA GLY B 21 -8.33 25.39 -11.45
C GLY B 21 -7.62 24.15 -10.96
N LYS B 22 -7.34 23.21 -11.90
CA LYS B 22 -6.69 21.94 -11.62
C LYS B 22 -5.18 22.15 -11.35
N TRP B 23 -4.48 21.10 -10.85
CA TRP B 23 -3.04 21.17 -10.52
C TRP B 23 -2.11 20.64 -11.61
N GLU B 24 -0.91 21.27 -11.69
CA GLU B 24 0.20 20.96 -12.60
C GLU B 24 1.49 20.76 -11.79
N TYR B 25 2.37 19.86 -12.27
CA TYR B 25 3.63 19.52 -11.60
C TYR B 25 4.84 19.65 -12.53
N LEU B 26 5.87 20.40 -12.08
CA LEU B 26 7.12 20.53 -12.83
C LEU B 26 7.95 19.30 -12.49
N ILE B 27 8.16 18.44 -13.49
CA ILE B 27 8.85 17.18 -13.33
C ILE B 27 10.31 17.25 -13.78
N ARG B 28 11.22 16.69 -12.94
CA ARG B 28 12.63 16.43 -13.27
C ARG B 28 12.65 14.97 -13.71
N TRP B 29 12.89 14.71 -15.00
CA TRP B 29 12.88 13.38 -15.59
C TRP B 29 14.19 12.66 -15.31
N LYS B 30 14.10 11.39 -14.89
CA LYS B 30 15.25 10.53 -14.60
C LYS B 30 16.09 10.45 -15.87
N GLY B 31 17.33 10.90 -15.76
CA GLY B 31 18.28 10.88 -16.88
C GLY B 31 18.43 12.17 -17.64
N TYR B 32 17.59 13.18 -17.34
CA TYR B 32 17.59 14.49 -18.01
C TYR B 32 17.87 15.60 -16.99
N GLY B 33 18.40 16.72 -17.50
CA GLY B 33 18.74 17.90 -16.73
C GLY B 33 17.59 18.89 -16.63
N SER B 34 17.83 20.02 -15.92
CA SER B 34 16.84 21.06 -15.61
C SER B 34 16.17 21.72 -16.82
N THR B 35 16.85 21.74 -17.97
CA THR B 35 16.35 22.34 -19.21
C THR B 35 15.19 21.54 -19.82
N GLU B 36 15.17 20.22 -19.57
CA GLU B 36 14.18 19.27 -20.07
C GLU B 36 13.00 19.11 -19.12
N ASP B 37 12.95 19.94 -18.05
CA ASP B 37 11.87 19.95 -17.07
C ASP B 37 10.60 20.46 -17.70
N THR B 38 9.52 19.68 -17.55
CA THR B 38 8.22 19.99 -18.13
C THR B 38 7.10 19.98 -17.09
N TRP B 39 6.09 20.85 -17.34
CA TRP B 39 4.89 20.99 -16.53
C TRP B 39 3.87 19.95 -16.99
N GLU B 40 3.57 18.99 -16.11
CA GLU B 40 2.65 17.90 -16.39
C GLU B 40 1.37 17.98 -15.57
N PRO B 41 0.20 17.72 -16.21
CA PRO B 41 -1.07 17.72 -15.44
C PRO B 41 -1.09 16.59 -14.42
N GLU B 42 -1.71 16.83 -13.28
CA GLU B 42 -1.84 15.91 -12.14
C GLU B 42 -2.13 14.44 -12.52
N HIS B 43 -3.09 14.20 -13.45
CA HIS B 43 -3.48 12.84 -13.87
C HIS B 43 -2.34 12.07 -14.60
N HIS B 44 -1.29 12.78 -15.05
CA HIS B 44 -0.13 12.18 -15.70
C HIS B 44 0.84 11.57 -14.72
N LEU B 45 0.73 11.88 -13.41
CA LEU B 45 1.68 11.33 -12.42
C LEU B 45 1.29 9.95 -12.02
N LEU B 46 2.29 9.09 -11.87
CA LEU B 46 2.12 7.70 -11.52
C LEU B 46 3.11 7.25 -10.46
N HIS B 47 2.66 6.34 -9.58
CA HIS B 47 3.50 5.67 -8.60
C HIS B 47 3.50 4.20 -8.97
N CYS B 48 4.70 3.64 -9.13
CA CYS B 48 4.91 2.26 -9.53
C CYS B 48 5.41 1.47 -8.37
N GLU B 49 4.89 0.26 -8.16
CA GLU B 49 5.35 -0.63 -7.11
C GLU B 49 5.64 -1.91 -7.80
N GLU B 50 6.54 -2.72 -7.26
CA GLU B 50 6.82 -4.01 -7.90
C GLU B 50 5.71 -4.99 -7.54
N PHE B 51 5.67 -6.16 -8.19
CA PHE B 51 4.70 -7.19 -7.89
C PHE B 51 5.25 -8.00 -6.73
N ILE B 52 4.47 -8.13 -5.66
CA ILE B 52 4.90 -8.88 -4.49
C ILE B 52 3.90 -9.97 -4.14
N ASP B 53 4.37 -11.03 -3.48
CA ASP B 53 3.51 -12.07 -2.98
C ASP B 53 3.41 -11.73 -1.50
N GLU B 54 2.29 -11.09 -1.12
CA GLU B 54 2.07 -10.63 0.26
C GLU B 54 2.10 -11.74 1.29
N PHE B 55 1.93 -13.00 0.84
CA PHE B 55 1.97 -14.19 1.72
C PHE B 55 3.40 -14.58 2.16
N ASN B 56 4.44 -14.26 1.39
CA ASN B 56 5.81 -14.53 1.78
C ASN B 56 6.16 -13.70 3.02
N GLY B 57 5.74 -12.45 3.02
CA GLY B 57 5.93 -11.50 4.10
C GLY B 57 5.34 -12.04 5.37
N LEU B 58 4.10 -12.60 5.27
CA LEU B 58 3.41 -13.21 6.40
C LEU B 58 4.17 -14.40 6.97
N HIS B 59 4.56 -15.37 6.11
CA HIS B 59 5.29 -16.59 6.50
C HIS B 59 6.68 -16.27 7.04
N MET B 60 7.29 -15.17 6.59
CA MET B 60 8.63 -14.83 7.04
C MET B 60 8.65 -13.97 8.29
N SER B 61 7.50 -13.44 8.74
CA SER B 61 7.49 -12.54 9.91
C SER B 61 8.02 -13.18 11.17
N LYS B 62 8.79 -12.38 11.94
CA LYS B 62 9.35 -12.74 13.23
C LYS B 62 8.31 -12.35 14.33
N ASP B 63 7.31 -11.48 13.94
CA ASP B 63 6.18 -11.01 14.76
C ASP B 63 6.63 -10.21 16.02
N LYS B 64 7.38 -9.08 15.80
CA LYS B 64 7.90 -8.20 16.86
N LEU C 3 0.43 4.14 9.88
CA LEU C 3 0.62 2.70 10.10
C LEU C 3 -0.68 1.90 10.01
N ALA C 4 -0.65 0.80 9.23
CA ALA C 4 -1.80 -0.05 8.96
C ALA C 4 -2.24 -0.87 10.16
N THR C 5 -3.56 -0.93 10.37
CA THR C 5 -4.17 -1.70 11.46
C THR C 5 -4.24 -3.17 11.08
N LYS C 6 -4.00 -4.05 12.04
CA LYS C 6 -4.12 -5.49 11.82
C LYS C 6 -5.55 -5.85 12.27
N ALA C 7 -6.25 -6.64 11.45
CA ALA C 7 -7.62 -7.08 11.70
C ALA C 7 -7.76 -8.46 11.10
N ALA C 8 -8.80 -9.18 11.47
CA ALA C 8 -9.09 -10.52 10.99
C ALA C 8 -10.53 -10.93 11.33
N ARG C 9 -11.10 -11.82 10.53
CA ARG C 9 -12.41 -12.40 10.75
C ARG C 9 -12.22 -13.57 11.73
N SER C 11 -13.31 -17.00 13.54
CA SER C 11 -14.04 -18.24 13.27
C SER C 11 -14.98 -18.54 14.44
N ALA C 12 -16.22 -18.91 14.12
CA ALA C 12 -17.24 -19.27 15.10
C ALA C 12 -17.86 -20.61 14.62
N PRO C 13 -17.63 -21.77 15.28
CA PRO C 13 -16.86 -21.99 16.52
C PRO C 13 -15.37 -21.76 16.35
N ALA C 14 -14.68 -21.52 17.45
CA ALA C 14 -13.27 -21.21 17.50
C ALA C 14 -12.37 -22.40 17.83
N THR C 15 -11.16 -22.38 17.27
CA THR C 15 -10.09 -23.36 17.49
C THR C 15 -9.03 -22.64 18.33
N TYR C 16 -8.84 -23.06 19.59
CA TYR C 16 -7.86 -22.46 20.49
C TYR C 16 -6.47 -23.05 20.32
N ALA D 4 8.72 3.12 -3.60
CA ALA D 4 8.02 3.11 -4.87
C ALA D 4 8.60 4.14 -5.82
N THR D 5 8.71 3.77 -7.10
CA THR D 5 9.24 4.62 -8.17
C THR D 5 8.17 5.57 -8.66
N LYS D 6 8.54 6.83 -8.87
CA LYS D 6 7.64 7.81 -9.45
C LYS D 6 7.94 7.78 -10.96
N ALA D 7 6.89 7.80 -11.76
CA ALA D 7 6.92 7.83 -13.21
C ALA D 7 5.77 8.72 -13.66
N ALA D 8 5.78 9.17 -14.90
CA ALA D 8 4.74 10.03 -15.42
C ALA D 8 4.70 9.99 -16.94
N ARG D 9 3.53 10.24 -17.51
CA ARG D 9 3.33 10.31 -18.94
C ARG D 9 3.72 11.70 -19.39
N SER D 11 3.77 14.86 -21.89
CA SER D 11 2.92 15.57 -22.83
C SER D 11 3.73 15.87 -24.10
N ALA D 12 3.09 15.65 -25.25
CA ALA D 12 3.66 15.92 -26.57
C ALA D 12 2.60 16.71 -27.36
N PRO D 13 2.78 18.03 -27.66
CA PRO D 13 3.92 18.91 -27.36
C PRO D 13 4.11 19.18 -25.88
N ALA D 14 5.32 19.56 -25.49
CA ALA D 14 5.69 19.82 -24.11
C ALA D 14 5.69 21.29 -23.72
N THR D 15 5.33 21.55 -22.45
CA THR D 15 5.33 22.87 -21.82
C THR D 15 6.49 22.86 -20.81
N TYR D 16 7.54 23.65 -21.07
CA TYR D 16 8.72 23.72 -20.21
C TYR D 16 8.54 24.72 -19.08
#